data_8CQZ
#
_entry.id   8CQZ
#
_cell.length_a   69.478
_cell.length_b   81.549
_cell.length_c   92.185
_cell.angle_alpha   90.00
_cell.angle_beta   90.00
_cell.angle_gamma   90.00
#
_symmetry.space_group_name_H-M   'P 21 21 21'
#
loop_
_entity.id
_entity.type
_entity.pdbx_description
1 polymer 'ATPase ASNA1'
2 polymer 'Guided entry of tail-anchored proteins factor 1'
#
loop_
_entity_poly.entity_id
_entity_poly.type
_entity_poly.pdbx_seq_one_letter_code
_entity_poly.pdbx_strand_id
1 'polypeptide(L)'
;GAMAAGVAGWGVEAEEFEDAPDVEPLEPTLSNIIEQRSLKWIFVGGKGGVGKTTCSCSLAVQLSKGRESVLIISTDPAHN
ISDAFDQKFSKVPTKVKGYDNLFAMEIDPSLGVAELPDEFFEEDNMLSMGKKMMQEAMSAFPGIDEAMSYAEVMRLVKGM
NFSVVVFDTAPTGHTLRLLNFPTIVERGLGRLMQIKNQISPFISQMCNMLGLGDMNADQLASKLEETLPVIRSVSEQFKD
PEQTTFICVCIAEFLSLYETERLIQELAKCKIDTHNIIVNQLVFPDPEKPCKMCEARHKIQAKYLDQMEDLYEDFHIVKL
PLLPHEVRGADKVNTFSALLLEPYKPPSAQGSWSHPQFEK
;
A
2 'polypeptide(L)' MVLQKDAEQESQMRAEIQDMKQELSTVNMMDEFARYARLERKINKMTDKLKTHVKARTAQLEHHHHHH B
#
# COMPACT_ATOMS: atom_id res chain seq x y z
N GLY A 9 28.64 16.89 -9.25
CA GLY A 9 29.07 17.66 -10.41
C GLY A 9 30.57 17.69 -10.58
N TRP A 10 31.30 18.07 -9.52
CA TRP A 10 32.75 18.07 -9.53
C TRP A 10 33.34 16.80 -8.93
N GLY A 11 32.57 16.07 -8.13
CA GLY A 11 33.13 14.91 -7.44
C GLY A 11 33.47 13.79 -8.40
N VAL A 12 34.46 12.99 -7.98
CA VAL A 12 34.80 11.78 -8.73
C VAL A 12 33.66 10.78 -8.59
N GLU A 13 33.51 9.91 -9.60
CA GLU A 13 32.42 8.95 -9.65
C GLU A 13 32.41 8.00 -8.46
N ALA A 14 33.49 7.94 -7.68
CA ALA A 14 33.58 7.14 -6.46
C ALA A 14 33.59 5.64 -6.75
N GLU A 15 33.23 5.25 -7.97
CA GLU A 15 33.40 3.87 -8.41
C GLU A 15 34.77 3.63 -9.04
N GLU A 16 35.47 4.71 -9.41
CA GLU A 16 36.88 4.58 -9.79
C GLU A 16 37.71 4.10 -8.61
N PHE A 17 37.38 4.56 -7.40
CA PHE A 17 38.32 4.52 -6.30
C PHE A 17 38.53 3.11 -5.76
N GLU A 18 37.43 2.37 -5.54
CA GLU A 18 37.53 1.03 -4.95
C GLU A 18 36.66 0.04 -5.70
N ASP A 19 36.64 0.17 -7.03
CA ASP A 19 35.96 -0.78 -7.92
C ASP A 19 34.49 -0.85 -7.53
N ALA A 20 33.95 -2.02 -7.18
CA ALA A 20 32.56 -2.13 -6.80
C ALA A 20 32.39 -3.34 -5.88
N PRO A 21 31.68 -3.21 -4.78
CA PRO A 21 31.41 -4.37 -3.93
C PRO A 21 30.48 -5.35 -4.63
N ASP A 22 30.54 -6.60 -4.20
CA ASP A 22 29.76 -7.65 -4.83
C ASP A 22 28.36 -7.75 -4.21
N VAL A 23 27.40 -8.15 -5.03
CA VAL A 23 26.00 -8.18 -4.61
C VAL A 23 25.83 -9.16 -3.46
N GLU A 24 25.42 -8.64 -2.30
CA GLU A 24 25.12 -9.48 -1.15
C GLU A 24 23.61 -9.61 -1.03
N PRO A 25 23.05 -10.82 -1.06
CA PRO A 25 21.60 -10.97 -0.82
C PRO A 25 21.23 -10.38 0.52
N LEU A 26 20.20 -9.54 0.52
CA LEU A 26 19.83 -8.81 1.72
C LEU A 26 19.35 -9.78 2.81
N GLU A 27 19.42 -9.32 4.04
CA GLU A 27 19.09 -10.18 5.18
C GLU A 27 17.60 -10.49 5.18
N PRO A 28 17.21 -11.76 5.35
CA PRO A 28 15.80 -12.18 5.35
C PRO A 28 15.04 -11.80 6.60
N THR A 29 15.22 -10.56 7.05
CA THR A 29 14.59 -10.06 8.26
C THR A 29 13.93 -8.71 7.98
N LEU A 30 13.16 -8.24 8.95
CA LEU A 30 12.54 -6.93 8.89
C LEU A 30 13.20 -5.95 9.86
N SER A 31 14.47 -6.21 10.22
CA SER A 31 15.18 -5.32 11.12
C SER A 31 15.38 -3.94 10.50
N ASN A 32 15.54 -3.88 9.18
CA ASN A 32 15.64 -2.61 8.49
C ASN A 32 14.44 -1.71 8.78
N ILE A 33 13.28 -2.30 9.01
CA ILE A 33 12.10 -1.53 9.39
C ILE A 33 12.31 -0.90 10.77
N ILE A 34 12.78 -1.69 11.72
CA ILE A 34 12.96 -1.20 13.09
C ILE A 34 13.98 -0.07 13.12
N GLU A 35 15.11 -0.25 12.43
CA GLU A 35 16.18 0.74 12.46
C GLU A 35 15.77 2.03 11.75
N GLN A 36 14.75 1.99 10.91
CA GLN A 36 14.21 3.18 10.27
C GLN A 36 13.37 3.92 11.30
N ARG A 37 14.02 4.76 12.11
CA ARG A 37 13.30 5.53 13.12
C ARG A 37 12.40 6.60 12.50
N SER A 38 12.61 6.94 11.22
CA SER A 38 11.83 7.98 10.57
C SER A 38 10.50 7.48 10.05
N LEU A 39 10.26 6.16 10.03
CA LEU A 39 9.04 5.62 9.46
C LEU A 39 7.85 5.94 10.36
N LYS A 40 6.85 6.62 9.80
CA LYS A 40 5.60 6.89 10.49
C LYS A 40 4.39 6.24 9.84
N TRP A 41 4.51 5.77 8.59
CA TRP A 41 3.45 5.02 7.93
C TRP A 41 4.05 3.74 7.36
N ILE A 42 3.52 2.59 7.77
CA ILE A 42 3.97 1.30 7.29
C ILE A 42 2.76 0.51 6.84
N PHE A 43 2.69 0.19 5.55
CA PHE A 43 1.60 -0.58 4.99
C PHE A 43 2.00 -2.03 4.82
N VAL A 44 1.09 -2.93 5.16
CA VAL A 44 1.30 -4.37 5.03
C VAL A 44 0.16 -4.90 4.16
N GLY A 45 0.44 -5.11 2.88
CA GLY A 45 -0.58 -5.56 1.96
C GLY A 45 -0.24 -6.86 1.26
N GLY A 46 -0.59 -6.96 -0.01
CA GLY A 46 -0.45 -8.20 -0.74
C GLY A 46 -1.65 -9.10 -0.50
N LYS A 47 -1.72 -10.16 -1.28
CA LYS A 47 -2.84 -11.09 -1.21
C LYS A 47 -2.57 -12.09 -0.10
N GLY A 48 -3.15 -11.84 1.07
CA GLY A 48 -3.04 -12.76 2.18
C GLY A 48 -4.26 -12.62 3.09
N GLY A 49 -4.50 -13.68 3.85
CA GLY A 49 -5.62 -13.69 4.78
C GLY A 49 -5.19 -13.65 6.24
N VAL A 50 -5.21 -14.81 6.90
CA VAL A 50 -4.78 -14.88 8.29
C VAL A 50 -3.30 -14.58 8.40
N GLY A 51 -2.50 -15.03 7.42
CA GLY A 51 -1.07 -14.80 7.48
C GLY A 51 -0.70 -13.34 7.45
N LYS A 52 -1.28 -12.59 6.50
CA LYS A 52 -0.99 -11.17 6.41
C LYS A 52 -1.35 -10.44 7.70
N THR A 53 -2.53 -10.75 8.26
CA THR A 53 -2.95 -10.10 9.48
C THR A 53 -1.99 -10.42 10.63
N THR A 54 -1.62 -11.69 10.78
CA THR A 54 -0.71 -12.07 11.86
C THR A 54 0.67 -11.47 11.66
N CYS A 55 1.11 -11.32 10.41
CA CYS A 55 2.39 -10.68 10.15
C CYS A 55 2.37 -9.22 10.58
N SER A 56 1.31 -8.50 10.24
CA SER A 56 1.22 -7.09 10.61
C SER A 56 1.16 -6.92 12.12
N CYS A 57 0.48 -7.82 12.82
CA CYS A 57 0.43 -7.74 14.29
C CYS A 57 1.79 -8.02 14.89
N SER A 58 2.50 -9.03 14.38
CA SER A 58 3.83 -9.33 14.88
C SER A 58 4.79 -8.17 14.62
N LEU A 59 4.64 -7.51 13.47
CA LEU A 59 5.46 -6.34 13.18
C LEU A 59 5.20 -5.22 14.19
N ALA A 60 3.94 -5.00 14.55
CA ALA A 60 3.61 -3.98 15.54
C ALA A 60 4.22 -4.31 16.89
N VAL A 61 4.13 -5.57 17.32
CA VAL A 61 4.65 -5.96 18.62
C VAL A 61 6.15 -5.71 18.70
N GLN A 62 6.88 -6.07 17.65
CA GLN A 62 8.32 -5.83 17.63
C GLN A 62 8.65 -4.35 17.51
N LEU A 63 7.79 -3.58 16.83
CA LEU A 63 8.03 -2.14 16.70
C LEU A 63 7.84 -1.42 18.02
N SER A 64 6.90 -1.87 18.85
CA SER A 64 6.59 -1.19 20.10
C SER A 64 7.76 -1.18 21.07
N LYS A 65 8.68 -2.14 20.95
CA LYS A 65 9.79 -2.23 21.89
C LYS A 65 10.75 -1.05 21.75
N GLY A 66 11.01 -0.62 20.51
CA GLY A 66 11.98 0.42 20.28
C GLY A 66 11.38 1.79 20.02
N ARG A 67 10.05 1.84 19.89
CA ARG A 67 9.33 3.07 19.62
C ARG A 67 8.68 3.60 20.89
N GLU A 68 7.95 4.71 20.74
CA GLU A 68 7.24 5.28 21.89
C GLU A 68 5.79 4.83 21.94
N SER A 69 5.09 4.83 20.82
CA SER A 69 3.70 4.39 20.76
C SER A 69 3.36 4.01 19.33
N VAL A 70 2.64 2.91 19.17
CA VAL A 70 2.38 2.34 17.85
C VAL A 70 0.88 2.12 17.70
N LEU A 71 0.39 2.29 16.46
CA LEU A 71 -1.02 2.09 16.15
C LEU A 71 -1.18 0.97 15.13
N ILE A 72 -2.36 0.36 15.13
CA ILE A 72 -2.71 -0.70 14.18
C ILE A 72 -4.05 -0.34 13.58
N ILE A 73 -4.05 0.00 12.28
CA ILE A 73 -5.25 0.31 11.54
C ILE A 73 -5.51 -0.85 10.58
N SER A 74 -6.66 -1.50 10.75
CA SER A 74 -7.04 -2.66 9.95
C SER A 74 -8.24 -2.29 9.09
N THR A 75 -8.00 -2.04 7.80
CA THR A 75 -9.06 -1.85 6.83
C THR A 75 -9.50 -3.16 6.18
N ASP A 76 -8.97 -4.29 6.65
CA ASP A 76 -9.36 -5.59 6.12
C ASP A 76 -10.83 -5.84 6.47
N PRO A 77 -11.68 -6.14 5.49
CA PRO A 77 -13.09 -6.45 5.80
C PRO A 77 -13.23 -7.59 6.80
N ALA A 78 -12.42 -8.63 6.67
CA ALA A 78 -12.35 -9.68 7.68
C ALA A 78 -11.68 -9.16 8.95
N HIS A 79 -12.27 -9.45 10.10
CA HIS A 79 -11.76 -8.94 11.38
C HIS A 79 -10.74 -9.88 12.02
N ASN A 80 -9.76 -10.31 11.23
CA ASN A 80 -8.79 -11.29 11.71
C ASN A 80 -7.83 -10.70 12.74
N ILE A 81 -7.72 -9.38 12.84
CA ILE A 81 -6.84 -8.79 13.84
C ILE A 81 -7.41 -9.01 15.23
N SER A 82 -8.71 -8.78 15.40
CA SER A 82 -9.35 -9.06 16.68
C SER A 82 -9.23 -10.54 17.03
N ASP A 83 -9.34 -11.41 16.03
CA ASP A 83 -9.22 -12.84 16.29
C ASP A 83 -7.83 -13.18 16.83
N ALA A 84 -6.78 -12.70 16.15
CA ALA A 84 -5.42 -13.15 16.45
C ALA A 84 -4.97 -12.70 17.84
N PHE A 85 -5.26 -11.45 18.21
CA PHE A 85 -4.81 -10.92 19.49
C PHE A 85 -5.56 -11.49 20.67
N ASP A 86 -6.57 -12.34 20.45
CA ASP A 86 -7.44 -12.88 21.50
C ASP A 86 -8.21 -11.79 22.24
N GLN A 87 -8.37 -10.63 21.60
CA GLN A 87 -9.08 -9.49 22.16
C GLN A 87 -9.82 -8.79 21.03
N LYS A 88 -11.06 -8.40 21.28
CA LYS A 88 -11.82 -7.67 20.28
C LYS A 88 -11.52 -6.17 20.34
N PHE A 89 -11.70 -5.51 19.21
CA PHE A 89 -11.36 -4.09 19.07
C PHE A 89 -12.49 -3.40 18.32
N SER A 90 -12.34 -2.08 18.14
CA SER A 90 -13.31 -1.27 17.43
C SER A 90 -12.61 0.00 16.96
N LYS A 91 -13.40 0.96 16.46
CA LYS A 91 -12.83 2.18 15.90
C LYS A 91 -11.99 2.94 16.93
N VAL A 92 -12.50 3.07 18.15
CA VAL A 92 -11.74 3.73 19.21
C VAL A 92 -10.55 2.83 19.56
N PRO A 93 -9.32 3.32 19.45
CA PRO A 93 -8.16 2.47 19.74
C PRO A 93 -8.06 2.14 21.23
N THR A 94 -7.81 0.87 21.51
CA THR A 94 -7.66 0.39 22.88
C THR A 94 -6.28 -0.23 23.06
N LYS A 95 -5.80 -0.23 24.30
CA LYS A 95 -4.50 -0.81 24.60
C LYS A 95 -4.58 -2.33 24.52
N VAL A 96 -3.50 -2.94 24.03
CA VAL A 96 -3.42 -4.39 23.90
C VAL A 96 -2.92 -4.97 25.21
N LYS A 97 -3.45 -6.13 25.58
CA LYS A 97 -3.10 -6.76 26.84
C LYS A 97 -1.61 -7.12 26.88
N GLY A 98 -0.97 -6.82 28.01
CA GLY A 98 0.43 -7.13 28.20
C GLY A 98 1.40 -6.18 27.54
N TYR A 99 0.91 -5.10 26.93
CA TYR A 99 1.77 -4.11 26.28
C TYR A 99 1.29 -2.71 26.64
N ASP A 100 2.22 -1.85 27.06
CA ASP A 100 1.87 -0.49 27.40
C ASP A 100 1.76 0.40 26.17
N ASN A 101 2.57 0.14 25.15
CA ASN A 101 2.66 1.02 23.98
C ASN A 101 1.65 0.66 22.90
N LEU A 102 1.28 -0.61 22.79
CA LEU A 102 0.44 -1.06 21.68
C LEU A 102 -0.97 -0.48 21.78
N PHE A 103 -1.46 0.03 20.66
CA PHE A 103 -2.86 0.41 20.51
C PHE A 103 -3.32 -0.05 19.13
N ALA A 104 -4.59 -0.42 19.02
CA ALA A 104 -5.09 -1.02 17.80
C ALA A 104 -6.55 -0.65 17.60
N MET A 105 -7.01 -0.77 16.36
CA MET A 105 -8.37 -0.41 15.98
C MET A 105 -8.75 -1.20 14.75
N GLU A 106 -10.05 -1.14 14.40
CA GLU A 106 -10.58 -1.82 13.22
C GLU A 106 -11.56 -0.89 12.51
N ILE A 107 -11.16 -0.37 11.37
CA ILE A 107 -12.02 0.50 10.56
C ILE A 107 -12.88 -0.36 9.64
N ASP A 108 -14.12 0.08 9.42
CA ASP A 108 -15.05 -0.64 8.58
C ASP A 108 -14.59 -0.61 7.12
N PRO A 109 -15.10 -1.52 6.29
CA PRO A 109 -14.84 -1.41 4.85
C PRO A 109 -15.37 -0.11 4.25
N SER A 110 -16.51 0.38 4.75
CA SER A 110 -17.00 1.71 4.39
C SER A 110 -16.26 2.82 5.13
N LEU A 111 -15.27 2.47 5.94
CA LEU A 111 -14.42 3.36 6.72
C LEU A 111 -15.14 4.01 7.89
N GLY A 112 -16.39 3.66 8.15
CA GLY A 112 -17.11 4.18 9.29
C GLY A 112 -17.33 5.68 9.27
N VAL A 113 -17.22 6.31 8.10
CA VAL A 113 -17.47 7.73 7.97
C VAL A 113 -18.87 7.99 7.40
N ALA A 114 -19.77 7.01 7.51
CA ALA A 114 -21.18 7.28 7.24
C ALA A 114 -21.72 8.34 8.19
N GLU A 115 -21.31 8.28 9.46
CA GLU A 115 -21.53 9.36 10.41
C GLU A 115 -20.18 10.05 10.61
N LEU A 116 -20.10 11.31 10.20
CA LEU A 116 -18.84 12.04 10.29
C LEU A 116 -18.39 12.12 11.74
N PRO A 117 -17.08 11.93 12.01
CA PRO A 117 -16.54 12.01 13.38
C PRO A 117 -16.68 13.39 13.99
N ASP A 124 -28.77 23.25 13.03
CA ASP A 124 -29.51 22.33 13.88
C ASP A 124 -29.79 21.04 13.12
N ASN A 125 -31.05 20.61 13.15
CA ASN A 125 -31.48 19.53 12.29
C ASN A 125 -31.40 19.92 10.82
N MET A 126 -31.47 21.23 10.53
CA MET A 126 -31.29 21.70 9.16
C MET A 126 -29.85 21.49 8.71
N LEU A 127 -28.88 21.78 9.60
CA LEU A 127 -27.49 21.50 9.28
C LEU A 127 -27.25 20.00 9.15
N SER A 128 -27.93 19.19 9.96
CA SER A 128 -27.83 17.74 9.81
C SER A 128 -28.38 17.30 8.46
N MET A 129 -29.50 17.90 8.03
CA MET A 129 -30.05 17.60 6.73
C MET A 129 -29.09 18.01 5.61
N GLY A 130 -28.46 19.17 5.75
CA GLY A 130 -27.47 19.59 4.76
C GLY A 130 -26.29 18.65 4.68
N LYS A 131 -25.84 18.14 5.84
CA LYS A 131 -24.79 17.13 5.85
C LYS A 131 -25.27 15.86 5.15
N LYS A 132 -26.48 15.41 5.46
CA LYS A 132 -27.04 14.22 4.82
C LYS A 132 -27.15 14.41 3.32
N MET A 133 -27.51 15.62 2.88
CA MET A 133 -27.56 15.90 1.45
C MET A 133 -26.17 15.82 0.83
N MET A 134 -25.16 16.33 1.54
CA MET A 134 -23.78 16.27 1.05
C MET A 134 -23.32 14.83 0.90
N GLN A 135 -23.52 14.02 1.94
CA GLN A 135 -23.06 12.64 1.90
C GLN A 135 -23.81 11.84 0.84
N GLU A 136 -25.10 12.12 0.66
CA GLU A 136 -25.88 11.40 -0.33
C GLU A 136 -25.46 11.77 -1.74
N ALA A 137 -25.17 13.05 -1.99
CA ALA A 137 -24.69 13.44 -3.31
C ALA A 137 -23.28 12.90 -3.56
N MET A 138 -22.46 12.82 -2.51
CA MET A 138 -21.13 12.24 -2.65
C MET A 138 -21.20 10.75 -2.93
N SER A 139 -22.29 10.09 -2.53
CA SER A 139 -22.45 8.66 -2.81
C SER A 139 -22.33 8.37 -4.30
N ALA A 140 -22.79 9.29 -5.15
CA ALA A 140 -22.77 9.07 -6.60
C ALA A 140 -21.36 9.04 -7.16
N PHE A 141 -20.33 9.22 -6.35
CA PHE A 141 -18.94 9.22 -6.81
C PHE A 141 -18.13 8.41 -5.81
N PRO A 142 -18.21 7.07 -5.88
CA PRO A 142 -17.59 6.25 -4.84
C PRO A 142 -16.09 6.40 -4.74
N GLY A 143 -15.42 6.74 -5.84
CA GLY A 143 -13.98 6.97 -5.76
C GLY A 143 -13.63 8.17 -4.91
N ILE A 144 -14.32 9.29 -5.13
CA ILE A 144 -14.04 10.50 -4.38
C ILE A 144 -14.55 10.39 -2.95
N ASP A 145 -15.70 9.74 -2.77
CA ASP A 145 -16.24 9.57 -1.43
C ASP A 145 -15.36 8.65 -0.59
N GLU A 146 -14.87 7.58 -1.19
CA GLU A 146 -13.95 6.69 -0.49
C GLU A 146 -12.69 7.44 -0.08
N ALA A 147 -12.17 8.29 -0.96
CA ALA A 147 -10.98 9.08 -0.65
C ALA A 147 -11.25 10.08 0.47
N MET A 148 -12.44 10.69 0.47
CA MET A 148 -12.77 11.62 1.54
C MET A 148 -12.86 10.92 2.89
N SER A 149 -13.36 9.68 2.90
CA SER A 149 -13.41 8.90 4.13
C SER A 149 -12.01 8.47 4.55
N TYR A 150 -11.13 8.16 3.60
CA TYR A 150 -9.72 7.97 3.92
C TYR A 150 -9.14 9.23 4.54
N ALA A 151 -9.47 10.40 3.99
CA ALA A 151 -8.90 11.65 4.46
C ALA A 151 -9.36 11.98 5.87
N GLU A 152 -10.64 11.75 6.17
CA GLU A 152 -11.12 11.97 7.53
C GLU A 152 -10.42 11.05 8.52
N VAL A 153 -10.21 9.79 8.12
CA VAL A 153 -9.51 8.85 8.99
C VAL A 153 -8.07 9.29 9.22
N MET A 154 -7.38 9.68 8.15
CA MET A 154 -6.00 10.11 8.29
C MET A 154 -5.89 11.39 9.12
N ARG A 155 -6.89 12.28 9.01
CA ARG A 155 -6.88 13.50 9.82
C ARG A 155 -7.03 13.17 11.30
N LEU A 156 -7.88 12.18 11.62
CA LEU A 156 -8.03 11.78 13.02
C LEU A 156 -6.76 11.13 13.55
N VAL A 157 -6.14 10.26 12.76
CA VAL A 157 -4.93 9.58 13.22
C VAL A 157 -3.75 10.54 13.29
N LYS A 158 -3.72 11.56 12.42
CA LYS A 158 -2.65 12.55 12.50
C LYS A 158 -2.81 13.45 13.71
N GLY A 159 -4.02 13.92 13.99
CA GLY A 159 -4.28 14.65 15.21
C GLY A 159 -4.08 13.82 16.46
N MET A 160 -4.15 12.50 16.34
CA MET A 160 -3.83 11.62 17.47
C MET A 160 -2.35 11.70 17.82
N ASN A 161 -1.48 11.95 16.83
CA ASN A 161 -0.06 12.22 17.02
C ASN A 161 0.65 11.02 17.67
N PHE A 162 0.72 9.95 16.89
CA PHE A 162 1.44 8.74 17.28
C PHE A 162 2.77 8.64 16.53
N SER A 163 3.67 7.84 17.09
CA SER A 163 5.03 7.78 16.56
C SER A 163 5.11 7.00 15.25
N VAL A 164 4.28 5.99 15.07
CA VAL A 164 4.26 5.19 13.85
C VAL A 164 2.98 4.38 13.81
N VAL A 165 2.44 4.20 12.61
CA VAL A 165 1.20 3.47 12.38
C VAL A 165 1.46 2.35 11.39
N VAL A 166 0.85 1.19 11.62
CA VAL A 166 0.97 0.03 10.75
C VAL A 166 -0.42 -0.31 10.21
N PHE A 167 -0.52 -0.50 8.90
CA PHE A 167 -1.77 -0.76 8.23
C PHE A 167 -1.86 -2.24 7.85
N ASP A 168 -2.88 -2.92 8.36
CA ASP A 168 -3.23 -4.25 7.88
C ASP A 168 -4.27 -4.08 6.78
N THR A 169 -3.80 -3.86 5.57
CA THR A 169 -4.64 -3.45 4.45
C THR A 169 -5.34 -4.65 3.83
N ALA A 170 -6.36 -4.37 3.00
CA ALA A 170 -7.19 -5.36 2.35
C ALA A 170 -6.51 -5.92 1.10
N PRO A 171 -6.76 -7.19 0.75
CA PRO A 171 -6.06 -7.78 -0.40
C PRO A 171 -6.59 -7.26 -1.73
N THR A 172 -7.45 -6.25 -1.70
CA THR A 172 -8.08 -5.75 -2.91
C THR A 172 -7.40 -4.46 -3.38
N GLY A 173 -7.97 -3.87 -4.44
CA GLY A 173 -7.43 -2.64 -5.00
C GLY A 173 -7.76 -1.37 -4.23
N HIS A 174 -8.63 -1.48 -3.22
CA HIS A 174 -8.98 -0.33 -2.40
C HIS A 174 -7.79 0.17 -1.59
N THR A 175 -6.82 -0.71 -1.30
CA THR A 175 -5.59 -0.28 -0.66
C THR A 175 -4.79 0.63 -1.58
N LEU A 176 -4.77 0.32 -2.88
CA LEU A 176 -4.15 1.21 -3.84
C LEU A 176 -4.86 2.56 -3.87
N ARG A 177 -6.19 2.55 -3.76
CA ARG A 177 -6.91 3.82 -3.68
C ARG A 177 -6.52 4.58 -2.41
N LEU A 178 -6.39 3.88 -1.29
CA LEU A 178 -5.98 4.53 -0.05
C LEU A 178 -4.61 5.17 -0.19
N LEU A 179 -3.70 4.51 -0.89
CA LEU A 179 -2.37 5.06 -1.09
C LEU A 179 -2.33 6.23 -2.05
N ASN A 180 -3.40 6.46 -2.82
CA ASN A 180 -3.50 7.59 -3.72
C ASN A 180 -4.66 8.51 -3.34
N PHE A 181 -5.14 8.44 -2.10
CA PHE A 181 -6.27 9.25 -1.72
C PHE A 181 -6.03 10.76 -1.82
N PRO A 182 -4.82 11.29 -1.59
CA PRO A 182 -4.66 12.75 -1.81
C PRO A 182 -4.80 13.14 -3.27
N THR A 183 -4.34 12.29 -4.19
CA THR A 183 -4.54 12.58 -5.61
C THR A 183 -6.02 12.57 -5.98
N ILE A 184 -6.76 11.60 -5.45
CA ILE A 184 -8.19 11.51 -5.73
C ILE A 184 -8.92 12.74 -5.19
N VAL A 185 -8.56 13.16 -3.99
CA VAL A 185 -9.19 14.35 -3.41
C VAL A 185 -8.85 15.59 -4.22
N GLU A 186 -7.58 15.75 -4.60
CA GLU A 186 -7.15 16.92 -5.36
C GLU A 186 -7.90 17.02 -6.69
N ARG A 187 -8.14 15.88 -7.34
CA ARG A 187 -8.89 15.88 -8.60
C ARG A 187 -10.38 16.09 -8.34
N GLY A 188 -10.91 15.51 -7.26
CA GLY A 188 -12.32 15.62 -6.96
C GLY A 188 -12.75 16.91 -6.33
N LEU A 189 -11.84 17.88 -6.20
CA LEU A 189 -12.20 19.17 -5.61
C LEU A 189 -13.28 19.87 -6.43
N GLY A 190 -13.21 19.74 -7.76
CA GLY A 190 -14.22 20.38 -8.60
C GLY A 190 -15.60 19.85 -8.35
N ARG A 191 -15.74 18.51 -8.30
CA ARG A 191 -17.03 17.91 -8.00
C ARG A 191 -17.52 18.32 -6.61
N LEU A 192 -16.61 18.33 -5.63
CA LEU A 192 -17.00 18.73 -4.28
C LEU A 192 -17.53 20.15 -4.27
N MET A 193 -16.85 21.07 -4.96
CA MET A 193 -17.33 22.45 -5.03
C MET A 193 -18.66 22.55 -5.77
N GLN A 194 -18.83 21.74 -6.82
CA GLN A 194 -20.10 21.72 -7.53
C GLN A 194 -21.24 21.25 -6.62
N ILE A 195 -21.00 20.17 -5.87
CA ILE A 195 -22.03 19.66 -4.97
C ILE A 195 -22.32 20.68 -3.87
N LYS A 196 -21.27 21.33 -3.35
CA LYS A 196 -21.47 22.37 -2.35
C LYS A 196 -22.25 23.54 -2.92
N ASN A 197 -21.98 23.91 -4.18
CA ASN A 197 -22.65 25.04 -4.80
C ASN A 197 -24.11 24.76 -5.10
N GLN A 198 -24.49 23.50 -5.21
CA GLN A 198 -25.89 23.15 -5.45
C GLN A 198 -26.66 22.87 -4.17
N ILE A 199 -25.97 22.58 -3.07
CA ILE A 199 -26.66 22.32 -1.82
C ILE A 199 -26.77 23.59 -0.96
N SER A 200 -25.78 24.48 -1.04
CA SER A 200 -25.76 25.66 -0.17
C SER A 200 -26.96 26.58 -0.38
N PRO A 201 -27.32 26.99 -1.60
CA PRO A 201 -28.48 27.89 -1.74
C PRO A 201 -29.78 27.28 -1.25
N PHE A 202 -30.00 25.97 -1.49
CA PHE A 202 -31.18 25.32 -0.93
C PHE A 202 -31.15 25.39 0.59
N ILE A 203 -29.99 25.14 1.19
CA ILE A 203 -29.88 25.24 2.65
C ILE A 203 -30.22 26.64 3.11
N SER A 204 -29.59 27.63 2.47
CA SER A 204 -29.80 29.02 2.86
C SER A 204 -31.24 29.44 2.62
N GLN A 205 -31.77 29.12 1.44
CA GLN A 205 -33.14 29.48 1.11
C GLN A 205 -34.11 28.86 2.10
N MET A 206 -33.99 27.54 2.33
CA MET A 206 -34.88 26.84 3.24
C MET A 206 -34.84 27.47 4.62
N CYS A 207 -33.63 27.72 5.14
CA CYS A 207 -33.50 28.27 6.48
C CYS A 207 -34.13 29.66 6.58
N ASN A 208 -33.73 30.57 5.68
CA ASN A 208 -34.24 31.94 5.71
C ASN A 208 -35.75 31.97 5.53
N MET A 209 -36.23 31.35 4.46
CA MET A 209 -37.63 31.50 4.08
C MET A 209 -38.56 30.93 5.12
N LEU A 210 -38.15 29.87 5.81
CA LEU A 210 -39.05 29.17 6.70
C LEU A 210 -38.59 29.10 8.14
N GLY A 211 -37.30 29.23 8.41
CA GLY A 211 -36.80 29.06 9.77
C GLY A 211 -36.08 30.25 10.34
N LEU A 212 -36.12 31.39 9.63
CA LEU A 212 -35.56 32.66 10.10
C LEU A 212 -34.04 32.66 10.17
N GLY A 213 -33.46 31.68 10.85
CA GLY A 213 -32.01 31.67 11.00
C GLY A 213 -31.32 31.46 9.66
N ASP A 214 -30.18 32.13 9.51
CA ASP A 214 -29.32 31.93 8.35
C ASP A 214 -27.97 31.36 8.74
N MET A 215 -27.78 31.06 10.03
CA MET A 215 -26.49 30.64 10.55
C MET A 215 -25.98 29.36 9.90
N ASN A 216 -26.89 28.44 9.55
CA ASN A 216 -26.45 27.14 9.04
C ASN A 216 -25.67 27.25 7.75
N ALA A 217 -25.86 28.33 6.98
CA ALA A 217 -25.14 28.48 5.72
C ALA A 217 -23.65 28.68 5.92
N ASP A 218 -23.25 29.33 7.01
CA ASP A 218 -21.83 29.57 7.27
C ASP A 218 -21.08 28.29 7.59
N GLN A 219 -21.77 27.27 8.09
CA GLN A 219 -21.11 26.01 8.41
C GLN A 219 -20.67 25.31 7.13
N LEU A 220 -19.74 24.37 7.30
CA LEU A 220 -19.10 23.59 6.23
C LEU A 220 -18.25 24.46 5.30
N ALA A 221 -18.09 25.75 5.59
CA ALA A 221 -17.27 26.62 4.76
C ALA A 221 -15.78 26.41 5.04
N SER A 222 -15.39 26.46 6.32
CA SER A 222 -14.01 26.26 6.72
C SER A 222 -13.67 24.79 7.00
N LYS A 223 -14.57 23.87 6.65
CA LYS A 223 -14.26 22.45 6.83
C LYS A 223 -13.21 21.97 5.84
N LEU A 224 -13.16 22.57 4.66
CA LEU A 224 -12.22 22.20 3.63
C LEU A 224 -11.04 23.16 3.51
N GLU A 225 -10.93 24.14 4.41
CA GLU A 225 -9.87 25.13 4.34
C GLU A 225 -8.65 24.78 5.18
N GLU A 226 -8.76 23.78 6.05
CA GLU A 226 -7.63 23.33 6.87
C GLU A 226 -7.32 21.85 6.73
N THR A 227 -8.27 21.03 6.27
CA THR A 227 -7.98 19.62 6.05
C THR A 227 -7.12 19.41 4.81
N LEU A 228 -7.21 20.32 3.84
CA LEU A 228 -6.46 20.22 2.58
C LEU A 228 -4.95 20.34 2.81
N PRO A 229 -4.46 21.27 3.65
CA PRO A 229 -3.02 21.24 3.96
C PRO A 229 -2.56 19.94 4.58
N VAL A 230 -3.38 19.35 5.45
CA VAL A 230 -3.05 18.04 6.02
C VAL A 230 -2.98 16.99 4.91
N ILE A 231 -3.91 17.04 3.95
CA ILE A 231 -3.89 16.09 2.85
C ILE A 231 -2.63 16.26 2.01
N ARG A 232 -2.25 17.51 1.71
CA ARG A 232 -1.06 17.75 0.93
C ARG A 232 0.20 17.33 1.68
N SER A 233 0.23 17.47 3.00
CA SER A 233 1.37 17.00 3.78
C SER A 233 1.46 15.48 3.73
N VAL A 234 0.33 14.79 3.82
CA VAL A 234 0.33 13.33 3.76
C VAL A 234 0.79 12.86 2.38
N SER A 235 0.39 13.57 1.33
CA SER A 235 0.83 13.23 -0.02
C SER A 235 2.34 13.37 -0.14
N GLU A 236 2.89 14.48 0.35
CA GLU A 236 4.34 14.65 0.38
C GLU A 236 5.00 13.62 1.28
N GLN A 237 4.26 13.08 2.25
CA GLN A 237 4.84 12.13 3.20
C GLN A 237 4.83 10.71 2.66
N PHE A 238 3.86 10.37 1.81
CA PHE A 238 3.81 9.01 1.26
C PHE A 238 4.91 8.78 0.23
N LYS A 239 5.18 9.79 -0.60
CA LYS A 239 6.25 9.69 -1.60
C LYS A 239 7.63 9.64 -0.97
N ASP A 240 7.76 9.98 0.30
CA ASP A 240 9.05 9.92 0.98
C ASP A 240 9.33 8.49 1.39
N PRO A 241 10.42 7.87 0.90
CA PRO A 241 10.75 6.51 1.35
C PRO A 241 11.13 6.45 2.82
N GLU A 242 11.72 7.51 3.37
CA GLU A 242 12.13 7.51 4.77
C GLU A 242 10.94 7.51 5.72
N GLN A 243 9.76 7.92 5.26
CA GLN A 243 8.59 8.02 6.12
C GLN A 243 7.50 7.00 5.81
N THR A 244 7.53 6.38 4.64
CA THR A 244 6.48 5.47 4.21
C THR A 244 7.11 4.31 3.44
N THR A 245 6.67 3.10 3.75
CA THR A 245 7.13 1.91 3.03
C THR A 245 6.01 0.88 2.99
N PHE A 246 6.00 0.08 1.94
CA PHE A 246 5.04 -1.00 1.75
C PHE A 246 5.75 -2.34 1.95
N ILE A 247 5.06 -3.28 2.58
CA ILE A 247 5.56 -4.63 2.80
C ILE A 247 4.58 -5.60 2.16
N CYS A 248 5.08 -6.45 1.26
CA CYS A 248 4.25 -7.36 0.49
C CYS A 248 4.24 -8.74 1.13
N VAL A 249 3.04 -9.31 1.28
CA VAL A 249 2.85 -10.65 1.83
C VAL A 249 2.32 -11.55 0.73
N CYS A 250 2.89 -12.75 0.62
CA CYS A 250 2.56 -13.67 -0.46
C CYS A 250 2.95 -15.08 -0.05
N ILE A 251 2.61 -16.04 -0.92
CA ILE A 251 3.04 -17.43 -0.77
C ILE A 251 3.76 -17.84 -2.05
N ALA A 252 4.57 -18.89 -1.94
CA ALA A 252 5.41 -19.33 -3.05
C ALA A 252 4.62 -20.23 -3.99
N GLU A 253 3.65 -19.62 -4.66
CA GLU A 253 2.92 -20.22 -5.77
C GLU A 253 2.88 -19.22 -6.91
N PHE A 254 2.59 -19.71 -8.11
CA PHE A 254 2.68 -18.88 -9.31
C PHE A 254 1.70 -17.71 -9.24
N LEU A 255 0.42 -18.00 -8.97
CA LEU A 255 -0.58 -16.94 -8.92
C LEU A 255 -0.21 -15.86 -7.91
N SER A 256 0.29 -16.28 -6.75
CA SER A 256 0.72 -15.32 -5.74
C SER A 256 1.92 -14.52 -6.22
N LEU A 257 2.89 -15.17 -6.86
CA LEU A 257 4.05 -14.46 -7.40
C LEU A 257 3.64 -13.46 -8.48
N TYR A 258 2.67 -13.84 -9.31
CA TYR A 258 2.21 -12.94 -10.37
C TYR A 258 1.55 -11.70 -9.80
N GLU A 259 0.60 -11.89 -8.87
CA GLU A 259 -0.05 -10.76 -8.24
C GLU A 259 0.93 -9.91 -7.44
N THR A 260 1.95 -10.54 -6.85
CA THR A 260 2.98 -9.77 -6.14
C THR A 260 3.72 -8.84 -7.09
N GLU A 261 4.14 -9.37 -8.25
CA GLU A 261 4.85 -8.54 -9.21
C GLU A 261 3.97 -7.40 -9.71
N ARG A 262 2.69 -7.69 -9.97
CA ARG A 262 1.76 -6.63 -10.38
C ARG A 262 1.65 -5.56 -9.28
N LEU A 263 1.58 -5.98 -8.03
CA LEU A 263 1.47 -5.01 -6.93
C LEU A 263 2.71 -4.13 -6.86
N ILE A 264 3.90 -4.74 -6.96
CA ILE A 264 5.14 -3.98 -6.91
C ILE A 264 5.20 -2.98 -8.06
N GLN A 265 4.76 -3.39 -9.25
CA GLN A 265 4.78 -2.50 -10.40
C GLN A 265 3.86 -1.30 -10.18
N GLU A 266 2.68 -1.54 -9.60
CA GLU A 266 1.75 -0.43 -9.37
C GLU A 266 2.22 0.45 -8.22
N LEU A 267 2.96 -0.11 -7.26
CA LEU A 267 3.57 0.71 -6.23
C LEU A 267 4.66 1.61 -6.81
N ALA A 268 5.45 1.09 -7.74
CA ALA A 268 6.45 1.92 -8.41
C ALA A 268 5.79 3.06 -9.17
N LYS A 269 4.66 2.78 -9.83
CA LYS A 269 3.91 3.82 -10.53
C LYS A 269 3.50 4.94 -9.59
N CYS A 270 2.99 4.58 -8.41
CA CYS A 270 2.57 5.55 -7.41
C CYS A 270 3.72 6.12 -6.60
N LYS A 271 4.97 5.74 -6.92
CA LYS A 271 6.16 6.20 -6.21
C LYS A 271 6.08 5.88 -4.71
N ILE A 272 5.36 4.81 -4.37
CA ILE A 272 5.33 4.32 -2.99
C ILE A 272 6.40 3.24 -2.85
N ASP A 273 7.28 3.41 -1.88
CA ASP A 273 8.44 2.53 -1.75
C ASP A 273 8.04 1.18 -1.17
N THR A 274 8.68 0.14 -1.67
CA THR A 274 8.60 -1.18 -1.09
C THR A 274 9.96 -1.85 -1.23
N HIS A 275 10.39 -2.52 -0.15
CA HIS A 275 11.66 -3.25 -0.20
C HIS A 275 11.67 -4.44 0.77
N ASN A 276 10.50 -4.95 1.16
CA ASN A 276 10.40 -6.11 2.03
C ASN A 276 9.26 -7.00 1.55
N ILE A 277 9.55 -8.29 1.39
CA ILE A 277 8.58 -9.28 0.96
C ILE A 277 8.53 -10.38 2.02
N ILE A 278 7.34 -10.91 2.28
CA ILE A 278 7.14 -11.96 3.27
C ILE A 278 6.49 -13.16 2.57
N VAL A 279 7.19 -14.29 2.55
CA VAL A 279 6.68 -15.53 2.00
C VAL A 279 6.36 -16.46 3.17
N ASN A 280 5.08 -16.67 3.43
CA ASN A 280 4.63 -17.47 4.55
C ASN A 280 3.96 -18.76 4.05
N GLN A 281 3.47 -19.55 5.00
CA GLN A 281 2.89 -20.86 4.70
C GLN A 281 3.89 -21.77 4.00
N LEU A 282 5.17 -21.63 4.32
CA LEU A 282 6.21 -22.48 3.74
C LEU A 282 6.28 -23.80 4.49
N VAL A 283 6.28 -24.90 3.76
CA VAL A 283 6.36 -26.23 4.35
C VAL A 283 7.81 -26.70 4.29
N PHE A 284 8.26 -27.33 5.37
CA PHE A 284 9.61 -27.87 5.46
C PHE A 284 9.54 -29.34 5.83
N PRO A 285 9.85 -30.26 4.93
CA PRO A 285 9.71 -31.69 5.24
C PRO A 285 10.63 -32.10 6.38
N ASP A 286 10.06 -32.80 7.36
CA ASP A 286 10.79 -33.29 8.51
C ASP A 286 10.90 -34.80 8.45
N PRO A 287 12.10 -35.37 8.64
CA PRO A 287 12.22 -36.83 8.69
C PRO A 287 11.28 -37.48 9.70
N GLU A 288 11.04 -36.83 10.83
CA GLU A 288 10.02 -37.27 11.77
C GLU A 288 8.65 -36.79 11.32
N LYS A 289 7.65 -37.66 11.44
CA LYS A 289 6.29 -37.40 10.98
C LYS A 289 6.30 -37.07 9.49
N PRO A 290 6.45 -38.06 8.62
CA PRO A 290 6.54 -37.78 7.19
C PRO A 290 5.19 -37.42 6.59
N CYS A 291 5.25 -36.76 5.43
CA CYS A 291 4.05 -36.29 4.75
C CYS A 291 4.39 -36.10 3.27
N LYS A 292 3.77 -36.89 2.41
CA LYS A 292 4.11 -36.84 0.98
C LYS A 292 3.56 -35.59 0.31
N MET A 293 2.34 -35.18 0.67
CA MET A 293 1.77 -33.96 0.09
C MET A 293 2.57 -32.73 0.49
N CYS A 294 3.23 -32.76 1.65
CA CYS A 294 4.14 -31.69 2.02
C CYS A 294 5.39 -31.70 1.14
N GLU A 295 5.85 -32.89 0.75
CA GLU A 295 7.01 -32.96 -0.12
C GLU A 295 6.70 -32.40 -1.50
N ALA A 296 5.50 -32.66 -2.02
CA ALA A 296 5.12 -32.10 -3.31
C ALA A 296 4.91 -30.59 -3.22
N ARG A 297 4.25 -30.13 -2.14
CA ARG A 297 4.08 -28.69 -1.96
C ARG A 297 5.42 -28.00 -1.80
N HIS A 298 6.38 -28.68 -1.16
CA HIS A 298 7.72 -28.11 -1.01
C HIS A 298 8.43 -28.02 -2.35
N LYS A 299 8.21 -29.00 -3.23
CA LYS A 299 8.81 -28.95 -4.57
C LYS A 299 8.33 -27.72 -5.33
N ILE A 300 7.03 -27.43 -5.26
CA ILE A 300 6.47 -26.27 -5.95
C ILE A 300 6.98 -24.99 -5.31
N GLN A 301 6.95 -24.93 -3.97
CA GLN A 301 7.43 -23.74 -3.27
C GLN A 301 8.90 -23.47 -3.55
N ALA A 302 9.71 -24.52 -3.62
CA ALA A 302 11.12 -24.34 -3.91
C ALA A 302 11.33 -23.74 -5.30
N LYS A 303 10.54 -24.19 -6.27
CA LYS A 303 10.67 -23.67 -7.63
C LYS A 303 10.43 -22.16 -7.68
N TYR A 304 9.33 -21.71 -7.08
CA TYR A 304 8.97 -20.31 -7.16
C TYR A 304 9.71 -19.44 -6.15
N LEU A 305 10.24 -20.03 -5.07
CA LEU A 305 11.06 -19.25 -4.16
C LEU A 305 12.45 -18.99 -4.73
N ASP A 306 12.95 -19.91 -5.57
CA ASP A 306 14.16 -19.62 -6.31
C ASP A 306 13.93 -18.52 -7.33
N GLN A 307 12.78 -18.53 -7.99
CA GLN A 307 12.44 -17.45 -8.91
C GLN A 307 12.36 -16.11 -8.17
N MET A 308 11.85 -16.13 -6.94
CA MET A 308 11.74 -14.90 -6.16
C MET A 308 13.10 -14.40 -5.71
N GLU A 309 13.95 -15.30 -5.23
CA GLU A 309 15.28 -14.87 -4.80
C GLU A 309 16.14 -14.40 -5.97
N ASP A 310 15.81 -14.80 -7.19
CA ASP A 310 16.49 -14.28 -8.36
C ASP A 310 15.96 -12.90 -8.75
N LEU A 311 14.64 -12.78 -8.81
CA LEU A 311 14.04 -11.54 -9.30
C LEU A 311 14.08 -10.44 -8.25
N TYR A 312 13.81 -10.78 -6.99
CA TYR A 312 13.70 -9.79 -5.93
C TYR A 312 14.97 -9.70 -5.09
N GLU A 313 16.12 -9.57 -5.76
CA GLU A 313 17.38 -9.43 -5.05
C GLU A 313 17.49 -8.10 -4.31
N ASP A 314 16.68 -7.11 -4.71
CA ASP A 314 16.67 -5.80 -4.06
C ASP A 314 15.62 -5.71 -2.95
N PHE A 315 15.12 -6.84 -2.46
CA PHE A 315 14.17 -6.89 -1.36
C PHE A 315 14.73 -7.72 -0.22
N HIS A 316 14.18 -7.48 0.98
CA HIS A 316 14.39 -8.36 2.12
C HIS A 316 13.32 -9.44 2.09
N ILE A 317 13.70 -10.66 1.70
CA ILE A 317 12.74 -11.74 1.50
C ILE A 317 12.70 -12.56 2.78
N VAL A 318 11.75 -12.23 3.65
CA VAL A 318 11.57 -12.90 4.92
C VAL A 318 10.70 -14.13 4.71
N LYS A 319 11.20 -15.28 5.13
CA LYS A 319 10.50 -16.55 4.98
C LYS A 319 9.82 -16.93 6.28
N LEU A 320 8.61 -17.49 6.18
CA LEU A 320 7.84 -17.89 7.35
C LEU A 320 7.24 -19.26 7.08
N PRO A 321 7.42 -20.21 7.99
CA PRO A 321 6.90 -21.56 7.75
C PRO A 321 5.42 -21.67 8.09
N LEU A 322 4.75 -22.60 7.40
CA LEU A 322 3.36 -22.92 7.70
C LEU A 322 3.28 -23.49 9.11
N LEU A 323 2.69 -22.74 10.04
CA LEU A 323 2.54 -23.24 11.39
C LEU A 323 1.52 -24.38 11.41
N PRO A 324 1.70 -25.36 12.31
CA PRO A 324 0.67 -26.38 12.49
C PRO A 324 -0.68 -25.74 12.79
N HIS A 325 -1.74 -26.43 12.37
CA HIS A 325 -3.07 -25.84 12.46
C HIS A 325 -3.47 -25.56 13.90
N GLU A 326 -2.94 -26.31 14.86
CA GLU A 326 -3.30 -26.11 16.26
C GLU A 326 -2.86 -24.73 16.77
N VAL A 327 -1.73 -24.23 16.27
CA VAL A 327 -1.19 -22.97 16.76
C VAL A 327 -2.13 -21.82 16.40
N ARG A 328 -2.55 -21.07 17.40
CA ARG A 328 -3.52 -19.99 17.22
C ARG A 328 -3.29 -18.93 18.28
N GLY A 329 -3.80 -17.73 18.00
CA GLY A 329 -3.82 -16.68 19.00
C GLY A 329 -2.47 -16.01 19.20
N ALA A 330 -2.32 -15.41 20.39
CA ALA A 330 -1.16 -14.57 20.67
C ALA A 330 0.14 -15.35 20.55
N ASP A 331 0.11 -16.67 20.75
CA ASP A 331 1.34 -17.44 20.69
C ASP A 331 1.91 -17.49 19.28
N LYS A 332 1.06 -17.71 18.27
CA LYS A 332 1.56 -17.67 16.89
C LYS A 332 2.05 -16.27 16.54
N VAL A 333 1.42 -15.26 17.13
CA VAL A 333 1.92 -13.90 16.97
C VAL A 333 3.30 -13.77 17.62
N ASN A 334 3.43 -14.29 18.84
CA ASN A 334 4.73 -14.26 19.52
C ASN A 334 5.78 -15.00 18.69
N THR A 335 5.41 -16.16 18.14
CA THR A 335 6.35 -16.94 17.34
C THR A 335 6.77 -16.18 16.09
N PHE A 336 5.79 -15.62 15.36
CA PHE A 336 6.12 -14.83 14.18
C PHE A 336 6.95 -13.61 14.54
N SER A 337 6.69 -13.02 15.71
CA SER A 337 7.42 -11.81 16.11
C SER A 337 8.92 -12.07 16.20
N ALA A 338 9.33 -13.33 16.40
CA ALA A 338 10.75 -13.66 16.41
C ALA A 338 11.26 -14.04 15.03
N LEU A 339 10.47 -14.82 14.28
CA LEU A 339 10.90 -15.28 12.96
C LEU A 339 11.02 -14.13 11.95
N LEU A 340 10.46 -12.96 12.25
CA LEU A 340 10.65 -11.79 11.41
C LEU A 340 11.98 -11.09 11.68
N LEU A 341 12.65 -11.42 12.78
CA LEU A 341 13.96 -10.84 13.08
C LEU A 341 15.09 -11.87 13.06
N GLU A 342 14.80 -13.15 13.26
CA GLU A 342 15.76 -14.23 13.13
C GLU A 342 15.23 -15.23 12.12
N PRO A 343 15.99 -15.55 11.06
CA PRO A 343 15.46 -16.49 10.05
C PRO A 343 15.22 -17.87 10.64
N TYR A 344 14.19 -18.53 10.13
CA TYR A 344 13.80 -19.83 10.65
C TYR A 344 14.87 -20.88 10.33
N LYS A 345 15.06 -21.81 11.27
CA LYS A 345 16.07 -22.83 11.07
C LYS A 345 15.44 -24.08 10.43
N PRO A 346 16.18 -24.75 9.55
CA PRO A 346 15.65 -25.94 8.86
C PRO A 346 15.30 -27.04 9.85
N PRO A 347 14.35 -27.91 9.52
CA PRO A 347 13.91 -28.93 10.46
C PRO A 347 14.82 -30.15 10.56
N SER A 348 15.92 -30.18 9.82
CA SER A 348 16.83 -31.33 9.83
C SER A 348 17.49 -31.43 11.20
N ALA A 349 17.17 -32.48 11.95
CA ALA A 349 17.74 -32.68 13.28
C ALA A 349 19.21 -33.06 13.19
N LEU B 3 12.61 14.19 -40.91
CA LEU B 3 14.05 14.20 -40.68
C LEU B 3 14.38 14.95 -39.39
N GLN B 4 13.69 14.62 -38.31
CA GLN B 4 13.92 15.26 -37.02
C GLN B 4 14.23 14.19 -35.98
N LYS B 5 14.91 14.63 -34.91
CA LYS B 5 15.35 13.70 -33.88
C LYS B 5 14.17 13.09 -33.14
N ASP B 6 13.14 13.89 -32.85
CA ASP B 6 12.00 13.36 -32.11
C ASP B 6 11.28 12.27 -32.91
N ALA B 7 11.37 12.32 -34.23
CA ALA B 7 10.86 11.23 -35.06
C ALA B 7 11.79 10.02 -35.00
N GLU B 8 13.09 10.24 -35.17
CA GLU B 8 14.06 9.15 -35.11
C GLU B 8 14.00 8.45 -33.77
N GLN B 9 13.88 9.21 -32.69
CA GLN B 9 13.81 8.63 -31.36
C GLN B 9 12.61 7.71 -31.21
N GLU B 10 11.45 8.16 -31.69
CA GLU B 10 10.25 7.34 -31.60
C GLU B 10 10.39 6.06 -32.40
N SER B 11 10.95 6.16 -33.62
CA SER B 11 11.16 4.97 -34.45
C SER B 11 12.06 3.97 -33.75
N GLN B 12 13.14 4.44 -33.13
CA GLN B 12 14.05 3.53 -32.44
C GLN B 12 13.39 2.94 -31.20
N MET B 13 12.68 3.75 -30.42
CA MET B 13 11.98 3.25 -29.24
C MET B 13 10.93 2.22 -29.62
N ARG B 14 10.15 2.49 -30.67
CA ARG B 14 9.12 1.54 -31.09
C ARG B 14 9.76 0.25 -31.59
N ALA B 15 10.88 0.35 -32.31
CA ALA B 15 11.55 -0.85 -32.79
C ALA B 15 12.08 -1.68 -31.63
N GLU B 16 12.64 -1.03 -30.61
CA GLU B 16 13.20 -1.76 -29.48
C GLU B 16 12.10 -2.37 -28.62
N ILE B 17 10.98 -1.65 -28.45
CA ILE B 17 9.85 -2.21 -27.72
C ILE B 17 9.30 -3.43 -28.45
N GLN B 18 9.26 -3.38 -29.78
CA GLN B 18 8.75 -4.51 -30.54
C GLN B 18 9.68 -5.72 -30.44
N ASP B 19 10.99 -5.49 -30.48
CA ASP B 19 11.93 -6.59 -30.31
C ASP B 19 11.79 -7.19 -28.91
N MET B 20 11.60 -6.36 -27.90
CA MET B 20 11.41 -6.87 -26.54
C MET B 20 10.13 -7.69 -26.43
N LYS B 21 9.04 -7.21 -27.04
CA LYS B 21 7.79 -7.97 -27.02
C LYS B 21 7.94 -9.29 -27.76
N GLN B 22 8.71 -9.29 -28.85
CA GLN B 22 8.97 -10.53 -29.57
C GLN B 22 9.74 -11.53 -28.72
N GLU B 23 10.68 -11.03 -27.91
CA GLU B 23 11.42 -11.92 -27.03
C GLU B 23 10.54 -12.43 -25.90
N LEU B 24 9.64 -11.57 -25.39
CA LEU B 24 8.78 -11.97 -24.29
C LEU B 24 7.83 -13.09 -24.70
N SER B 25 7.45 -13.14 -25.97
CA SER B 25 6.60 -14.22 -26.46
C SER B 25 7.29 -15.58 -26.35
N THR B 26 8.61 -15.61 -26.26
CA THR B 26 9.33 -16.86 -26.11
C THR B 26 9.34 -17.34 -24.66
N VAL B 27 9.38 -16.41 -23.72
CA VAL B 27 9.54 -16.75 -22.31
C VAL B 27 8.28 -17.44 -21.78
N ASN B 28 8.48 -18.52 -21.03
CA ASN B 28 7.40 -19.16 -20.28
C ASN B 28 7.25 -18.42 -18.96
N MET B 29 6.03 -17.93 -18.68
CA MET B 29 5.83 -17.13 -17.49
C MET B 29 5.98 -17.96 -16.22
N MET B 30 5.66 -19.25 -16.29
CA MET B 30 5.66 -20.08 -15.08
C MET B 30 7.05 -20.60 -14.74
N ASP B 31 7.80 -21.05 -15.74
CA ASP B 31 9.09 -21.70 -15.48
C ASP B 31 10.19 -20.67 -15.24
N GLU B 32 10.28 -19.66 -16.09
CA GLU B 32 11.30 -18.60 -15.98
C GLU B 32 10.60 -17.27 -15.73
N PHE B 33 10.03 -17.12 -14.54
CA PHE B 33 9.25 -15.93 -14.22
C PHE B 33 10.14 -14.70 -14.11
N ALA B 34 11.34 -14.85 -13.55
CA ALA B 34 12.21 -13.70 -13.35
C ALA B 34 12.59 -13.05 -14.68
N ARG B 35 12.91 -13.86 -15.69
CA ARG B 35 13.22 -13.32 -17.01
C ARG B 35 12.00 -12.61 -17.60
N TYR B 36 10.82 -13.23 -17.46
CA TYR B 36 9.60 -12.63 -17.97
C TYR B 36 9.31 -11.29 -17.28
N ALA B 37 9.50 -11.24 -15.96
CA ALA B 37 9.19 -10.02 -15.22
C ALA B 37 10.17 -8.90 -15.58
N ARG B 38 11.47 -9.19 -15.62
CA ARG B 38 12.45 -8.16 -15.93
C ARG B 38 12.24 -7.61 -17.33
N LEU B 39 11.89 -8.48 -18.28
CA LEU B 39 11.63 -8.02 -19.64
C LEU B 39 10.38 -7.16 -19.70
N GLU B 40 9.33 -7.58 -18.98
CA GLU B 40 8.10 -6.79 -18.95
C GLU B 40 8.32 -5.43 -18.29
N ARG B 41 9.23 -5.36 -17.32
CA ARG B 41 9.54 -4.08 -16.70
C ARG B 41 10.22 -3.14 -17.68
N LYS B 42 11.17 -3.67 -18.48
CA LYS B 42 11.83 -2.85 -19.48
C LYS B 42 10.85 -2.35 -20.52
N ILE B 43 9.91 -3.21 -20.94
CA ILE B 43 8.91 -2.81 -21.92
C ILE B 43 8.04 -1.69 -21.37
N ASN B 44 7.58 -1.82 -20.12
CA ASN B 44 6.70 -0.81 -19.54
C ASN B 44 7.43 0.52 -19.37
N LYS B 45 8.71 0.48 -18.99
CA LYS B 45 9.47 1.71 -18.85
C LYS B 45 9.64 2.41 -20.18
N MET B 46 10.02 1.66 -21.22
CA MET B 46 10.22 2.27 -22.53
C MET B 46 8.91 2.73 -23.15
N THR B 47 7.81 2.03 -22.85
CA THR B 47 6.51 2.47 -23.33
C THR B 47 6.08 3.76 -22.67
N ASP B 48 6.28 3.88 -21.35
CA ASP B 48 5.93 5.12 -20.66
C ASP B 48 6.77 6.28 -21.17
N LYS B 49 8.04 6.02 -21.50
CA LYS B 49 8.88 7.07 -22.06
C LYS B 49 8.37 7.49 -23.43
N LEU B 50 8.04 6.51 -24.28
CA LEU B 50 7.50 6.83 -25.60
C LEU B 50 6.18 7.58 -25.50
N LYS B 51 5.34 7.21 -24.54
CA LYS B 51 4.05 7.86 -24.40
C LYS B 51 4.19 9.30 -23.93
N THR B 52 5.16 9.57 -23.05
CA THR B 52 5.41 10.94 -22.63
C THR B 52 5.93 11.77 -23.80
N HIS B 53 6.82 11.20 -24.61
CA HIS B 53 7.32 11.90 -25.78
C HIS B 53 6.21 12.19 -26.78
N VAL B 54 5.30 11.22 -26.97
CA VAL B 54 4.21 11.41 -27.92
C VAL B 54 3.24 12.47 -27.41
N LYS B 55 2.95 12.48 -26.11
CA LYS B 55 2.05 13.50 -25.56
C LYS B 55 2.66 14.89 -25.66
N ALA B 56 3.98 15.00 -25.53
CA ALA B 56 4.64 16.29 -25.69
C ALA B 56 4.50 16.79 -27.12
N ARG B 57 4.73 15.90 -28.09
CA ARG B 57 4.56 16.29 -29.49
C ARG B 57 3.10 16.56 -29.82
N THR B 58 2.18 15.86 -29.17
CA THR B 58 0.76 16.15 -29.36
C THR B 58 0.40 17.52 -28.81
N ALA B 59 1.04 17.91 -27.69
CA ALA B 59 0.81 19.24 -27.14
C ALA B 59 1.34 20.32 -28.08
N GLN B 60 2.48 20.08 -28.72
CA GLN B 60 3.00 21.02 -29.69
C GLN B 60 2.07 21.14 -30.89
N LEU B 61 1.50 20.00 -31.33
CA LEU B 61 0.54 20.03 -32.43
C LEU B 61 -0.70 20.83 -32.07
N GLU B 62 -1.22 20.64 -30.86
CA GLU B 62 -2.38 21.40 -30.43
C GLU B 62 -2.05 22.88 -30.33
N HIS B 63 -0.82 23.21 -29.93
CA HIS B 63 -0.39 24.61 -29.90
C HIS B 63 -0.42 25.24 -31.28
N HIS B 64 -0.09 24.46 -32.31
CA HIS B 64 -0.10 24.98 -33.67
C HIS B 64 -1.49 24.89 -34.29
N HIS B 65 -2.16 23.74 -34.12
CA HIS B 65 -3.44 23.52 -34.78
C HIS B 65 -4.53 24.36 -34.15
N HIS B 66 -4.62 24.36 -32.81
CA HIS B 66 -5.59 25.15 -32.06
C HIS B 66 -4.79 26.19 -31.27
N HIS B 67 -4.40 27.26 -31.96
CA HIS B 67 -3.45 28.21 -31.42
C HIS B 67 -4.01 28.96 -30.21
N HIS B 68 -3.13 29.28 -29.26
CA HIS B 68 -3.51 30.01 -28.07
C HIS B 68 -3.58 31.50 -28.35
#